data_6PGQ
#
_entry.id   6PGQ
#
_cell.length_a   181.288
_cell.length_b   181.288
_cell.length_c   181.288
_cell.angle_alpha   90.000
_cell.angle_beta   90.000
_cell.angle_gamma   90.000
#
_symmetry.space_group_name_H-M   'P 41 3 2'
#
loop_
_entity.id
_entity.type
_entity.pdbx_description
1 polymer 'Maltodextrin-binding protein,Calcitonin receptor'
2 polymer Calcitonin
3 branched alpha-D-glucopyranose-(1-4)-alpha-D-glucopyranose
4 non-polymer 2-acetamido-2-deoxy-beta-D-glucopyranose
5 non-polymer 'ACETATE ION'
6 water water
#
loop_
_entity_poly.entity_id
_entity_poly.type
_entity_poly.pdbx_seq_one_letter_code
_entity_poly.pdbx_strand_id
1 'polypeptide(L)'
;MAKIEEGKLVIWINGDKGYNGLAEVGKKFEKDTGIKVTVEHPDKLEEKFPQVAATGDGPDIIFWAHDRFGGYAQSGLLAE
ITPDKAFQDKLYPFTWDAVRYNGKLIAYPIAVEALSLIYNKDLLPNPPKTWEEIPALDKELKAKGKSALMFNLQEPYFTW
PLIAADGGYAFKYENGKYDIKDVGVDNAGAKAGLTFLVDLIKNKHMNADTDYSIAEAAFNKGETAMTINGPWAWSNIDTS
KVNYGVTVLPTFKGQPSKPFVGVLSAGINAASPNKELAKEFLENYLLTDEGLEAVNKDKPLGAVALKSYEEELAKDPRIA
ATMENAQKGEIMPNIPQMSAFWYAVRTAVINAASGRQTVDEALKDAQTNAAAEFLYVVGRKKMMDAQYKCYDRMQQLPAY
QGEGPYCNRTWDGWLCWDDTPAGVLSYQFCPDYFPDFDPSEKVTKYCDEKGVWFKHPENNRTWSNYTMCNAFTPEKHHHH
HH
;
A
2 'polypeptide(L)' YPRTNTGSGTP(NH2) B
#
# COMPACT_ATOMS: atom_id res chain seq x y z
N MET A 1 22.04 10.73 -20.86
CA MET A 1 21.31 9.87 -21.86
C MET A 1 19.87 10.40 -22.18
N ALA A 2 19.63 10.77 -23.45
CA ALA A 2 18.30 11.20 -23.98
C ALA A 2 17.36 9.99 -24.19
N LYS A 3 17.92 8.84 -24.61
CA LYS A 3 17.20 7.55 -24.79
C LYS A 3 17.91 6.34 -24.11
N ILE A 4 17.14 5.28 -23.95
CA ILE A 4 17.64 4.01 -23.46
C ILE A 4 18.56 3.38 -24.54
N GLU A 5 19.74 2.87 -24.13
CA GLU A 5 20.76 2.42 -25.10
C GLU A 5 20.18 1.20 -25.84
N GLU A 6 20.18 1.25 -27.16
CA GLU A 6 19.70 0.13 -27.90
C GLU A 6 20.88 -0.88 -28.06
N GLY A 7 20.60 -2.16 -27.83
CA GLY A 7 21.60 -3.21 -27.80
C GLY A 7 22.32 -3.47 -26.48
N LYS A 8 21.72 -3.10 -25.36
CA LYS A 8 22.10 -3.70 -24.08
C LYS A 8 20.88 -3.91 -23.23
N LEU A 9 21.00 -4.69 -22.17
CA LEU A 9 19.95 -4.77 -21.18
C LEU A 9 20.40 -4.06 -19.94
N VAL A 10 19.61 -3.10 -19.47
CA VAL A 10 19.76 -2.54 -18.10
C VAL A 10 18.63 -3.11 -17.27
N ILE A 11 18.98 -3.74 -16.15
CA ILE A 11 18.01 -4.42 -15.27
C ILE A 11 17.99 -3.79 -13.88
N TRP A 12 16.79 -3.61 -13.30
CA TRP A 12 16.61 -3.06 -11.93
C TRP A 12 15.95 -4.08 -11.01
N ILE A 13 16.53 -4.27 -9.82
CA ILE A 13 16.01 -5.22 -8.83
C ILE A 13 16.39 -4.73 -7.46
N ASN A 14 15.59 -5.08 -6.46
CA ASN A 14 15.82 -4.57 -5.11
C ASN A 14 17.12 -5.09 -4.43
N GLY A 15 17.66 -4.29 -3.54
CA GLY A 15 18.94 -4.57 -2.90
C GLY A 15 18.91 -5.69 -1.88
N ASP A 16 17.74 -6.15 -1.46
CA ASP A 16 17.70 -7.32 -0.56
C ASP A 16 17.74 -8.71 -1.29
N LYS A 17 17.51 -8.68 -2.61
CA LYS A 17 17.42 -9.85 -3.49
C LYS A 17 18.76 -10.21 -4.03
N GLY A 18 18.85 -11.36 -4.69
CA GLY A 18 20.12 -11.86 -5.20
C GLY A 18 20.70 -11.18 -6.43
N TYR A 19 20.99 -9.87 -6.34
CA TYR A 19 21.43 -9.10 -7.50
C TYR A 19 22.74 -9.58 -8.14
N ASN A 20 23.67 -10.12 -7.34
CA ASN A 20 24.94 -10.59 -7.88
C ASN A 20 24.75 -11.92 -8.63
N GLY A 21 23.83 -12.74 -8.13
CA GLY A 21 23.37 -13.95 -8.81
C GLY A 21 22.78 -13.63 -10.18
N LEU A 22 21.94 -12.61 -10.21
CA LEU A 22 21.34 -12.19 -11.45
C LEU A 22 22.41 -11.73 -12.45
N ALA A 23 23.46 -11.07 -11.96
CA ALA A 23 24.51 -10.57 -12.83
C ALA A 23 25.29 -11.70 -13.46
N GLU A 24 25.34 -12.83 -12.75
CA GLU A 24 25.98 -14.05 -13.26
C GLU A 24 25.27 -14.60 -14.48
N VAL A 25 23.94 -14.72 -14.38
CA VAL A 25 23.07 -15.03 -15.54
C VAL A 25 23.30 -14.01 -16.66
N GLY A 26 23.45 -12.73 -16.28
CA GLY A 26 23.72 -11.67 -17.26
C GLY A 26 25.07 -11.84 -17.94
N LYS A 27 26.01 -12.35 -17.19
CA LYS A 27 27.31 -12.60 -17.74
C LYS A 27 27.23 -13.75 -18.78
N LYS A 28 26.44 -14.78 -18.50
CA LYS A 28 26.23 -15.85 -19.47
C LYS A 28 25.55 -15.32 -20.73
N PHE A 29 24.61 -14.42 -20.56
CA PHE A 29 23.92 -13.83 -21.70
C PHE A 29 24.84 -13.05 -22.64
N GLU A 30 25.79 -12.35 -22.03
CA GLU A 30 26.76 -11.59 -22.75
C GLU A 30 27.75 -12.55 -23.40
N LYS A 31 28.09 -13.64 -22.72
CA LYS A 31 28.94 -14.64 -23.34
C LYS A 31 28.32 -15.16 -24.67
N ASP A 32 27.04 -15.51 -24.64
CA ASP A 32 26.40 -16.04 -25.83
C ASP A 32 26.13 -14.99 -26.91
N THR A 33 25.64 -13.80 -26.54
CA THR A 33 25.12 -12.86 -27.51
C THR A 33 26.06 -11.69 -27.81
N GLY A 34 26.91 -11.34 -26.87
CA GLY A 34 27.85 -10.23 -27.04
C GLY A 34 27.33 -8.89 -26.55
N ILE A 35 26.18 -8.89 -25.91
CA ILE A 35 25.59 -7.64 -25.47
C ILE A 35 25.66 -7.60 -23.94
N LYS A 36 26.15 -6.48 -23.40
CA LYS A 36 26.28 -6.33 -21.94
C LYS A 36 24.93 -6.19 -21.21
N VAL A 37 24.84 -6.91 -20.10
CA VAL A 37 23.72 -6.77 -19.19
C VAL A 37 24.28 -6.08 -17.96
N THR A 38 23.66 -4.99 -17.53
CA THR A 38 24.04 -4.33 -16.31
C THR A 38 22.94 -4.50 -15.30
N VAL A 39 23.24 -5.04 -14.11
CA VAL A 39 22.24 -5.16 -13.05
C VAL A 39 22.42 -4.08 -12.02
N GLU A 40 21.34 -3.43 -11.66
CA GLU A 40 21.38 -2.41 -10.65
C GLU A 40 20.31 -2.62 -9.60
N HIS A 41 20.51 -1.96 -8.46
CA HIS A 41 19.57 -2.00 -7.31
C HIS A 41 19.31 -0.62 -6.63
N PRO A 42 18.74 0.33 -7.38
CA PRO A 42 18.42 1.62 -6.78
C PRO A 42 17.51 1.60 -5.53
N ASP A 43 17.58 2.67 -4.75
CA ASP A 43 16.72 2.81 -3.57
C ASP A 43 15.36 3.16 -4.07
N LYS A 44 14.35 2.57 -3.44
CA LYS A 44 12.99 2.92 -3.74
C LYS A 44 12.73 2.83 -5.27
N LEU A 45 13.19 1.74 -5.89
CA LEU A 45 13.07 1.61 -7.35
C LEU A 45 11.61 1.58 -7.74
N GLU A 46 10.75 1.09 -6.85
CA GLU A 46 9.33 1.00 -7.13
C GLU A 46 8.68 2.36 -7.29
N GLU A 47 9.26 3.36 -6.62
CA GLU A 47 8.83 4.76 -6.71
C GLU A 47 9.51 5.51 -7.85
N LYS A 48 10.79 5.20 -8.10
CA LYS A 48 11.56 5.82 -9.17
C LYS A 48 11.09 5.42 -10.56
N PHE A 49 10.63 4.16 -10.73
CA PHE A 49 10.32 3.62 -12.07
C PHE A 49 9.31 4.46 -12.84
N PRO A 50 8.17 4.82 -12.25
CA PRO A 50 7.22 5.65 -13.05
C PRO A 50 7.79 6.99 -13.55
N GLN A 51 8.59 7.60 -12.70
CA GLN A 51 9.21 8.89 -12.99
C GLN A 51 10.27 8.77 -14.05
N VAL A 52 11.04 7.67 -14.04
CA VAL A 52 12.17 7.60 -14.98
C VAL A 52 11.98 6.67 -16.16
N ALA A 53 10.86 5.95 -16.18
CA ALA A 53 10.79 4.77 -17.02
C ALA A 53 11.02 4.98 -18.51
N ALA A 54 10.47 6.03 -19.05
CA ALA A 54 10.60 6.26 -20.48
C ALA A 54 11.71 7.24 -20.74
N THR A 55 12.58 7.52 -19.78
CA THR A 55 13.30 8.79 -19.84
C THR A 55 14.61 8.61 -20.52
N GLY A 56 15.20 7.41 -20.42
CA GLY A 56 16.56 7.29 -20.89
C GLY A 56 17.57 6.89 -19.86
N ASP A 57 17.29 7.17 -18.59
CA ASP A 57 17.89 6.44 -17.50
C ASP A 57 16.99 5.28 -17.11
N GLY A 58 16.04 4.88 -17.94
CA GLY A 58 15.09 3.87 -17.48
C GLY A 58 15.60 2.50 -17.85
N PRO A 59 15.21 1.48 -17.10
CA PRO A 59 15.73 0.17 -17.29
C PRO A 59 15.02 -0.50 -18.38
N ASP A 60 15.61 -1.56 -18.91
CA ASP A 60 14.96 -2.39 -19.90
C ASP A 60 14.00 -3.33 -19.19
N ILE A 61 14.38 -3.78 -18.00
CA ILE A 61 13.56 -4.74 -17.24
C ILE A 61 13.52 -4.34 -15.76
N ILE A 62 12.35 -4.47 -15.16
CA ILE A 62 12.20 -4.11 -13.80
C ILE A 62 11.69 -5.31 -12.99
N PHE A 63 12.38 -5.62 -11.88
CA PHE A 63 11.93 -6.63 -10.94
C PHE A 63 11.30 -6.05 -9.69
N TRP A 64 10.05 -6.40 -9.47
CA TRP A 64 9.38 -6.09 -8.21
C TRP A 64 8.24 -7.06 -7.98
N ALA A 65 7.71 -7.09 -6.78
CA ALA A 65 6.54 -7.87 -6.52
C ALA A 65 5.38 -7.42 -7.38
N HIS A 66 4.45 -8.31 -7.65
CA HIS A 66 3.43 -8.04 -8.64
C HIS A 66 2.46 -6.91 -8.33
N ASP A 67 2.32 -6.53 -7.06
CA ASP A 67 1.29 -5.56 -6.68
C ASP A 67 1.45 -4.15 -7.33
N ARG A 68 2.68 -3.76 -7.60
CA ARG A 68 2.93 -2.47 -8.24
C ARG A 68 2.69 -2.42 -9.76
N PHE A 69 2.55 -3.60 -10.39
CA PHE A 69 2.53 -3.68 -11.84
C PHE A 69 1.20 -3.24 -12.47
N GLY A 70 0.09 -3.29 -11.75
CA GLY A 70 -1.16 -2.79 -12.29
C GLY A 70 -1.12 -1.29 -12.55
N GLY A 71 -0.60 -0.56 -11.55
CA GLY A 71 -0.39 0.88 -11.68
C GLY A 71 0.56 1.25 -12.79
N TYR A 72 1.61 0.43 -12.94
CA TYR A 72 2.56 0.60 -14.03
C TYR A 72 1.86 0.39 -15.37
N ALA A 73 1.04 -0.65 -15.47
CA ALA A 73 0.27 -0.90 -16.71
C ALA A 73 -0.67 0.21 -17.09
N GLN A 74 -1.38 0.77 -16.11
CA GLN A 74 -2.38 1.79 -16.35
C GLN A 74 -1.73 3.02 -16.97
N SER A 75 -0.52 3.30 -16.52
CA SER A 75 0.31 4.42 -16.99
C SER A 75 1.03 4.18 -18.30
N GLY A 76 0.90 2.95 -18.81
CA GLY A 76 1.37 2.51 -20.11
C GLY A 76 2.85 2.41 -20.18
N LEU A 77 3.43 2.04 -19.06
CA LEU A 77 4.87 1.99 -18.89
C LEU A 77 5.43 0.63 -19.26
N LEU A 78 4.57 -0.38 -19.38
CA LEU A 78 5.02 -1.76 -19.60
C LEU A 78 4.60 -2.35 -20.96
N ALA A 79 5.47 -3.13 -21.56
CA ALA A 79 5.13 -3.93 -22.71
C ALA A 79 4.34 -5.10 -22.21
N GLU A 80 3.41 -5.50 -23.06
CA GLU A 80 2.74 -6.77 -22.96
C GLU A 80 3.71 -7.88 -23.31
N ILE A 81 3.76 -8.88 -22.47
CA ILE A 81 4.73 -9.92 -22.69
C ILE A 81 4.01 -11.02 -23.47
N THR A 82 4.78 -11.73 -24.31
CA THR A 82 4.17 -12.64 -25.31
C THR A 82 4.62 -14.09 -25.32
N PRO A 83 4.71 -14.71 -24.14
CA PRO A 83 5.18 -16.09 -24.06
C PRO A 83 4.16 -17.00 -24.71
N ASP A 84 4.61 -18.02 -25.43
CA ASP A 84 3.70 -18.98 -26.07
C ASP A 84 3.22 -19.97 -25.02
N LYS A 85 2.16 -20.70 -25.35
CA LYS A 85 1.59 -21.70 -24.46
C LYS A 85 2.59 -22.68 -23.87
N ALA A 86 3.58 -23.11 -24.65
CA ALA A 86 4.58 -24.06 -24.13
C ALA A 86 5.41 -23.46 -22.97
N PHE A 87 5.90 -22.25 -23.15
CA PHE A 87 6.54 -21.54 -22.05
C PHE A 87 5.60 -21.33 -20.81
N GLN A 88 4.35 -20.93 -21.06
CA GLN A 88 3.37 -20.71 -19.99
C GLN A 88 3.15 -21.96 -19.14
N ASP A 89 3.15 -23.13 -19.78
CA ASP A 89 2.98 -24.37 -19.06
C ASP A 89 4.18 -24.65 -18.13
N LYS A 90 5.33 -23.99 -18.34
CA LYS A 90 6.48 -24.20 -17.47
C LYS A 90 6.34 -23.56 -16.13
N LEU A 91 5.40 -22.62 -15.97
CA LEU A 91 5.16 -21.97 -14.69
C LEU A 91 3.79 -22.33 -14.14
N TYR A 92 3.62 -22.20 -12.82
CA TYR A 92 2.32 -22.55 -12.19
C TYR A 92 1.22 -21.53 -12.58
N PRO A 93 0.03 -22.00 -12.98
CA PRO A 93 -1.08 -21.10 -13.32
C PRO A 93 -1.33 -19.97 -12.32
N PHE A 94 -1.29 -20.22 -11.01
CA PHE A 94 -1.55 -19.13 -10.03
C PHE A 94 -0.58 -17.94 -10.11
N THR A 95 0.64 -18.18 -10.63
CA THR A 95 1.63 -17.12 -10.70
C THR A 95 1.35 -16.25 -11.89
N TRP A 96 0.94 -16.90 -12.98
CA TRP A 96 0.53 -16.14 -14.14
C TRP A 96 -0.65 -15.22 -13.76
N ASP A 97 -1.56 -15.72 -12.91
CA ASP A 97 -2.73 -14.93 -12.46
C ASP A 97 -2.36 -13.66 -11.72
N ALA A 98 -1.30 -13.65 -10.93
CA ALA A 98 -0.84 -12.41 -10.27
C ALA A 98 -0.36 -11.30 -11.23
N VAL A 99 0.19 -11.70 -12.37
CA VAL A 99 0.70 -10.77 -13.37
C VAL A 99 -0.31 -10.52 -14.50
N ARG A 100 -1.56 -10.96 -14.36
CA ARG A 100 -2.56 -10.59 -15.35
C ARG A 100 -3.27 -9.29 -14.94
N TYR A 101 -3.45 -8.34 -15.87
CA TYR A 101 -4.14 -7.07 -15.62
C TYR A 101 -4.99 -6.74 -16.82
N ASN A 102 -6.28 -6.50 -16.60
CA ASN A 102 -7.24 -6.30 -17.71
C ASN A 102 -7.00 -7.26 -18.83
N GLY A 103 -6.92 -8.54 -18.46
CA GLY A 103 -6.84 -9.61 -19.43
C GLY A 103 -5.50 -9.89 -20.09
N LYS A 104 -4.46 -9.12 -19.77
CA LYS A 104 -3.19 -9.23 -20.43
C LYS A 104 -2.09 -9.57 -19.46
N LEU A 105 -1.10 -10.31 -19.89
CA LEU A 105 0.07 -10.55 -19.08
C LEU A 105 0.97 -9.33 -19.17
N ILE A 106 1.46 -8.87 -18.04
CA ILE A 106 2.27 -7.65 -18.00
C ILE A 106 3.67 -7.81 -17.40
N ALA A 107 3.99 -9.04 -16.98
CA ALA A 107 5.29 -9.34 -16.39
C ALA A 107 5.52 -10.88 -16.36
N TYR A 108 6.78 -11.29 -16.24
CA TYR A 108 7.10 -12.71 -16.07
C TYR A 108 7.26 -13.00 -14.57
N PRO A 109 6.46 -13.93 -13.99
CA PRO A 109 6.71 -14.29 -12.59
C PRO A 109 8.00 -15.06 -12.37
N ILE A 110 8.61 -14.82 -11.22
CA ILE A 110 9.84 -15.49 -10.84
C ILE A 110 9.62 -16.33 -9.56
N ALA A 111 9.04 -15.75 -8.51
CA ALA A 111 8.94 -16.45 -7.24
C ALA A 111 7.83 -15.95 -6.29
N VAL A 112 7.32 -16.88 -5.49
CA VAL A 112 6.30 -16.62 -4.50
C VAL A 112 6.94 -16.38 -3.15
N GLU A 113 6.70 -15.16 -2.66
CA GLU A 113 7.28 -14.61 -1.44
C GLU A 113 6.23 -14.53 -0.34
N ALA A 114 6.57 -15.02 0.85
CA ALA A 114 5.78 -14.78 2.05
C ALA A 114 6.68 -14.81 3.23
N LEU A 115 6.45 -13.80 4.07
CA LEU A 115 7.09 -13.69 5.37
C LEU A 115 6.78 -14.87 6.26
N SER A 116 7.81 -15.33 6.98
CA SER A 116 7.66 -16.37 8.02
C SER A 116 8.25 -15.91 9.37
N LEU A 117 7.88 -16.59 10.45
CA LEU A 117 8.55 -16.38 11.72
C LEU A 117 9.90 -17.10 11.80
N ILE A 118 10.97 -16.34 11.97
CA ILE A 118 12.31 -16.92 12.13
C ILE A 118 12.72 -16.85 13.60
N TYR A 119 13.34 -17.93 14.09
CA TYR A 119 13.76 -18.00 15.48
C TYR A 119 15.13 -18.62 15.71
N ASN A 120 15.77 -18.21 16.80
CA ASN A 120 17.08 -18.68 17.24
C ASN A 120 16.83 -19.91 18.10
N LYS A 121 17.17 -21.09 17.60
CA LYS A 121 16.89 -22.36 18.31
C LYS A 121 17.65 -22.50 19.62
N ASP A 122 18.83 -21.88 19.70
CA ASP A 122 19.63 -21.92 20.92
C ASP A 122 18.93 -21.12 22.02
N LEU A 123 18.56 -19.89 21.75
CA LEU A 123 17.79 -19.11 22.73
C LEU A 123 16.39 -19.70 22.92
N LEU A 124 15.74 -20.11 21.85
CA LEU A 124 14.32 -20.50 21.91
C LEU A 124 14.09 -21.83 21.20
N PRO A 125 14.10 -22.94 21.97
CA PRO A 125 13.84 -24.23 21.33
C PRO A 125 12.40 -24.33 20.88
N ASN A 126 11.49 -23.71 21.65
CA ASN A 126 10.04 -23.82 21.50
C ASN A 126 9.47 -22.43 21.19
N PRO A 127 9.23 -22.10 19.90
CA PRO A 127 8.71 -20.75 19.58
C PRO A 127 7.27 -20.53 20.01
N PRO A 128 6.87 -19.29 20.30
CA PRO A 128 5.49 -19.07 20.73
C PRO A 128 4.52 -19.30 19.57
N LYS A 129 3.40 -19.96 19.85
CA LYS A 129 2.35 -20.18 18.86
C LYS A 129 1.45 -18.96 18.73
N THR A 130 1.61 -17.97 19.59
CA THR A 130 0.62 -16.95 19.68
C THR A 130 1.25 -15.61 20.06
N TRP A 131 0.80 -14.55 19.40
CA TRP A 131 1.27 -13.20 19.67
C TRP A 131 1.09 -12.75 21.13
N GLU A 132 -0.04 -13.10 21.74
CA GLU A 132 -0.41 -12.70 23.10
C GLU A 132 0.60 -13.22 24.08
N GLU A 133 1.22 -14.36 23.79
CA GLU A 133 2.20 -14.95 24.71
C GLU A 133 3.62 -14.37 24.55
N ILE A 134 3.81 -13.39 23.65
CA ILE A 134 5.12 -12.71 23.44
C ILE A 134 5.62 -11.79 24.60
N PRO A 135 4.83 -10.80 25.08
CA PRO A 135 5.33 -9.92 26.18
C PRO A 135 5.93 -10.70 27.39
N ALA A 136 5.17 -11.68 27.89
CA ALA A 136 5.66 -12.66 28.86
C ALA A 136 7.08 -13.13 28.52
N LEU A 137 7.24 -13.58 27.28
CA LEU A 137 8.53 -14.09 26.78
C LEU A 137 9.64 -13.02 26.83
N ASP A 138 9.34 -11.82 26.31
CA ASP A 138 10.28 -10.68 26.35
C ASP A 138 10.72 -10.31 27.79
N LYS A 139 9.81 -10.43 28.75
CA LYS A 139 10.19 -10.17 30.14
C LYS A 139 11.36 -11.08 30.63
N GLU A 140 11.21 -12.39 30.43
CA GLU A 140 12.28 -13.38 30.68
C GLU A 140 13.60 -13.06 29.96
N LEU A 141 13.49 -12.76 28.67
CA LEU A 141 14.66 -12.52 27.82
C LEU A 141 15.44 -11.25 28.17
N LYS A 142 14.75 -10.17 28.55
CA LYS A 142 15.41 -8.94 29.01
C LYS A 142 16.29 -9.24 30.23
N ALA A 143 15.73 -9.90 31.25
CA ALA A 143 16.52 -10.39 32.41
C ALA A 143 17.84 -11.07 32.02
N LYS A 144 17.88 -11.72 30.86
CA LYS A 144 19.10 -12.38 30.34
C LYS A 144 19.85 -11.60 29.24
N GLY A 145 19.68 -10.28 29.21
CA GLY A 145 20.32 -9.44 28.21
C GLY A 145 19.77 -9.49 26.77
N LYS A 146 18.59 -10.07 26.58
CA LYS A 146 18.04 -10.25 25.23
C LYS A 146 16.69 -9.56 24.99
N SER A 147 16.33 -9.43 23.72
CA SER A 147 14.97 -9.04 23.33
C SER A 147 14.34 -10.26 22.70
N ALA A 148 13.06 -10.45 22.96
CA ALA A 148 12.32 -11.55 22.35
C ALA A 148 12.18 -11.40 20.82
N LEU A 149 11.85 -10.20 20.32
CA LEU A 149 11.41 -10.06 18.92
C LEU A 149 11.65 -8.69 18.32
N MET A 150 12.47 -8.65 17.26
CA MET A 150 12.75 -7.41 16.51
C MET A 150 12.62 -7.57 14.97
N PHE A 151 11.74 -6.77 14.36
CA PHE A 151 11.46 -6.78 12.90
C PHE A 151 11.12 -5.38 12.31
N ASN A 152 11.25 -5.20 11.01
CA ASN A 152 11.01 -3.89 10.38
C ASN A 152 9.60 -3.31 10.67
N LEU A 153 9.51 -2.25 11.48
CA LEU A 153 8.23 -1.55 11.75
C LEU A 153 7.95 -0.44 10.75
N GLN A 154 8.99 0.03 10.10
CA GLN A 154 8.86 1.14 9.16
C GLN A 154 8.05 0.80 7.87
N GLU A 155 8.13 -0.44 7.40
CA GLU A 155 7.41 -0.88 6.25
C GLU A 155 6.17 -1.71 6.66
N PRO A 156 5.03 -1.43 6.03
CA PRO A 156 3.82 -2.08 6.46
C PRO A 156 3.65 -3.49 5.96
N TYR A 157 4.51 -3.93 5.07
CA TYR A 157 4.50 -5.31 4.65
C TYR A 157 4.69 -6.17 5.87
N PHE A 158 5.55 -5.75 6.79
CA PHE A 158 5.94 -6.63 7.89
C PHE A 158 4.89 -6.63 9.04
N THR A 159 4.10 -5.57 9.17
CA THR A 159 3.14 -5.45 10.24
C THR A 159 1.76 -5.86 9.77
N TRP A 160 1.56 -6.06 8.47
CA TRP A 160 0.22 -6.35 7.95
C TRP A 160 -0.33 -7.74 8.31
N PRO A 161 0.53 -8.73 8.52
CA PRO A 161 -0.04 -10.00 8.97
C PRO A 161 -0.88 -9.85 10.24
N LEU A 162 -0.38 -9.07 11.21
CA LEU A 162 -1.06 -8.86 12.49
C LEU A 162 -2.41 -8.14 12.33
N ILE A 163 -2.38 -7.18 11.42
CA ILE A 163 -3.49 -6.26 11.26
C ILE A 163 -4.67 -7.02 10.63
N ALA A 164 -4.36 -7.71 9.53
CA ALA A 164 -5.27 -8.67 8.91
C ALA A 164 -5.75 -9.91 9.74
N ALA A 165 -4.98 -10.35 10.75
CA ALA A 165 -5.33 -11.55 11.56
C ALA A 165 -6.74 -11.52 12.09
N ASP A 166 -7.12 -10.47 12.83
CA ASP A 166 -8.47 -10.48 13.38
C ASP A 166 -9.56 -9.82 12.51
N GLY A 167 -9.33 -9.70 11.21
CA GLY A 167 -10.37 -9.26 10.27
C GLY A 167 -10.05 -8.05 9.42
N GLY A 168 -8.83 -7.52 9.44
CA GLY A 168 -8.44 -6.43 8.55
C GLY A 168 -8.20 -6.88 7.11
N TYR A 169 -8.60 -6.08 6.13
CA TYR A 169 -8.35 -6.35 4.70
C TYR A 169 -8.12 -5.05 3.87
N ALA A 170 -7.46 -5.18 2.73
CA ALA A 170 -7.25 -4.06 1.83
C ALA A 170 -8.52 -3.67 1.07
N PHE A 171 -8.92 -4.46 0.08
CA PHE A 171 -10.18 -4.19 -0.65
C PHE A 171 -11.01 -5.47 -0.73
N LYS A 172 -12.33 -5.32 -0.66
CA LYS A 172 -13.21 -6.47 -0.54
C LYS A 172 -13.18 -7.17 -1.85
N TYR A 173 -13.00 -8.48 -1.80
CA TYR A 173 -12.90 -9.26 -3.01
C TYR A 173 -14.22 -9.99 -3.23
N GLU A 174 -15.13 -9.38 -4.00
CA GLU A 174 -16.47 -9.98 -4.33
C GLU A 174 -16.74 -9.94 -5.84
N ASN A 175 -17.40 -11.00 -6.36
CA ASN A 175 -17.62 -11.19 -7.81
C ASN A 175 -16.34 -11.49 -8.60
N GLY A 176 -15.30 -12.00 -7.95
CA GLY A 176 -13.98 -12.13 -8.62
C GLY A 176 -13.26 -10.83 -9.02
N LYS A 177 -13.77 -9.67 -8.55
CA LYS A 177 -13.11 -8.37 -8.73
C LYS A 177 -13.02 -7.58 -7.40
N TYR A 178 -11.96 -6.78 -7.23
CA TYR A 178 -11.75 -6.03 -5.97
C TYR A 178 -12.62 -4.80 -5.97
N ASP A 179 -13.36 -4.59 -4.90
CA ASP A 179 -14.27 -3.44 -4.83
C ASP A 179 -13.56 -2.32 -4.04
N ILE A 180 -13.18 -1.25 -4.75
CA ILE A 180 -12.46 -0.11 -4.16
C ILE A 180 -13.30 0.87 -3.34
N LYS A 181 -14.60 0.65 -3.25
CA LYS A 181 -15.48 1.41 -2.37
C LYS A 181 -15.48 0.86 -0.92
N ASP A 182 -14.96 -0.36 -0.76
CA ASP A 182 -15.03 -1.06 0.49
C ASP A 182 -13.62 -1.42 0.91
N VAL A 183 -13.17 -0.78 1.97
CA VAL A 183 -11.79 -0.87 2.42
C VAL A 183 -11.73 -1.32 3.88
N GLY A 184 -10.84 -2.27 4.23
CA GLY A 184 -10.83 -2.94 5.56
C GLY A 184 -9.70 -2.54 6.49
N VAL A 185 -9.32 -1.30 6.35
CA VAL A 185 -8.22 -0.74 7.10
C VAL A 185 -8.70 -0.18 8.44
N ASP A 186 -9.95 0.31 8.51
CA ASP A 186 -10.49 0.87 9.76
C ASP A 186 -11.52 -0.03 10.46
N ASN A 187 -11.60 -1.32 10.14
CA ASN A 187 -12.61 -2.19 10.80
C ASN A 187 -12.16 -2.63 12.19
N ALA A 188 -13.08 -3.27 12.92
CA ALA A 188 -12.82 -3.76 14.26
C ALA A 188 -11.46 -4.49 14.39
N GLY A 189 -11.21 -5.41 13.46
CA GLY A 189 -10.06 -6.33 13.52
C GLY A 189 -8.70 -5.68 13.32
N ALA A 190 -8.68 -4.78 12.34
CA ALA A 190 -7.50 -3.99 12.06
C ALA A 190 -7.08 -3.14 13.25
N LYS A 191 -8.08 -2.49 13.86
CA LYS A 191 -7.85 -1.67 15.05
C LYS A 191 -7.20 -2.51 16.13
N ALA A 192 -7.73 -3.74 16.27
CA ALA A 192 -7.27 -4.68 17.27
C ALA A 192 -5.81 -5.09 17.03
N GLY A 193 -5.47 -5.45 15.79
CA GLY A 193 -4.07 -5.78 15.44
C GLY A 193 -3.09 -4.65 15.77
N LEU A 194 -3.38 -3.48 15.24
CA LEU A 194 -2.47 -2.36 15.40
C LEU A 194 -2.34 -1.95 16.90
N THR A 195 -3.46 -1.94 17.63
CA THR A 195 -3.45 -1.73 19.08
C THR A 195 -2.49 -2.69 19.80
N PHE A 196 -2.48 -3.97 19.40
CA PHE A 196 -1.61 -4.92 20.06
C PHE A 196 -0.16 -4.51 19.85
N LEU A 197 0.15 -4.11 18.63
CA LEU A 197 1.51 -3.71 18.30
C LEU A 197 1.92 -2.43 19.05
N VAL A 198 1.04 -1.43 19.08
CA VAL A 198 1.33 -0.21 19.82
C VAL A 198 1.55 -0.51 21.32
N ASP A 199 0.75 -1.44 21.87
CA ASP A 199 0.90 -1.84 23.29
C ASP A 199 2.24 -2.52 23.56
N LEU A 200 2.69 -3.35 22.63
CA LEU A 200 4.07 -3.87 22.69
C LEU A 200 5.09 -2.75 22.82
N ILE A 201 4.90 -1.64 22.11
CA ILE A 201 5.81 -0.50 22.19
C ILE A 201 5.69 0.27 23.52
N LYS A 202 4.45 0.56 23.96
CA LYS A 202 4.15 1.17 25.32
C LYS A 202 4.73 0.41 26.49
N ASN A 203 4.71 -0.92 26.40
CA ASN A 203 5.25 -1.81 27.43
C ASN A 203 6.75 -2.17 27.18
N LYS A 204 7.44 -1.41 26.31
CA LYS A 204 8.90 -1.53 26.02
C LYS A 204 9.35 -2.83 25.31
N HIS A 205 8.41 -3.65 24.83
CA HIS A 205 8.78 -4.94 24.27
C HIS A 205 9.31 -4.79 22.84
N MET A 206 8.89 -3.74 22.15
CA MET A 206 9.58 -3.28 20.95
C MET A 206 9.81 -1.78 20.91
N ASN A 207 10.69 -1.40 20.01
CA ASN A 207 11.19 -0.07 19.91
C ASN A 207 10.68 0.43 18.56
N ALA A 208 9.93 1.54 18.56
CA ALA A 208 9.33 2.11 17.32
C ALA A 208 10.31 2.40 16.21
N ASP A 209 11.57 2.67 16.54
CA ASP A 209 12.60 2.98 15.54
C ASP A 209 13.06 1.79 14.71
N THR A 210 12.71 0.56 15.12
CA THR A 210 13.27 -0.63 14.53
C THR A 210 12.98 -0.71 13.04
N ASP A 211 14.03 -0.84 12.23
CA ASP A 211 13.88 -0.90 10.76
C ASP A 211 14.57 -2.15 10.17
N TYR A 212 14.57 -2.28 8.83
CA TYR A 212 15.06 -3.52 8.26
C TYR A 212 16.43 -3.91 8.81
N SER A 213 17.43 -3.02 8.75
CA SER A 213 18.81 -3.44 9.08
C SER A 213 19.16 -3.53 10.58
N ILE A 214 18.51 -2.74 11.42
CA ILE A 214 18.62 -2.90 12.88
C ILE A 214 18.13 -4.26 13.30
N ALA A 215 16.99 -4.68 12.77
CA ALA A 215 16.38 -5.94 13.18
C ALA A 215 17.20 -7.14 12.66
N GLU A 216 17.71 -7.05 11.44
CA GLU A 216 18.65 -8.04 10.90
C GLU A 216 19.91 -8.16 11.77
N ALA A 217 20.49 -7.04 12.17
CA ALA A 217 21.71 -7.06 12.97
C ALA A 217 21.44 -7.73 14.30
N ALA A 218 20.29 -7.40 14.91
CA ALA A 218 19.91 -7.91 16.22
C ALA A 218 19.78 -9.43 16.19
N PHE A 219 19.09 -9.97 15.17
CA PHE A 219 18.87 -11.42 15.07
C PHE A 219 20.17 -12.18 14.79
N ASN A 220 20.85 -11.71 13.75
CA ASN A 220 22.10 -12.28 13.27
C ASN A 220 23.28 -12.13 14.23
N LYS A 221 23.21 -11.22 15.20
CA LYS A 221 24.23 -11.12 16.27
C LYS A 221 23.76 -11.80 17.57
N GLY A 222 22.59 -12.46 17.51
CA GLY A 222 22.05 -13.20 18.65
C GLY A 222 21.64 -12.34 19.82
N GLU A 223 21.26 -11.11 19.54
CA GLU A 223 20.75 -10.19 20.53
C GLU A 223 19.23 -10.41 20.70
N THR A 224 18.58 -10.94 19.67
CA THR A 224 17.13 -11.21 19.70
C THR A 224 16.80 -12.67 19.29
N ALA A 225 15.78 -13.20 19.96
CA ALA A 225 15.38 -14.60 19.80
C ALA A 225 14.65 -14.85 18.51
N MET A 226 13.97 -13.85 17.98
CA MET A 226 13.07 -14.04 16.86
C MET A 226 13.11 -12.85 15.95
N THR A 227 12.75 -13.08 14.69
CA THR A 227 12.58 -12.01 13.73
C THR A 227 11.50 -12.43 12.73
N ILE A 228 11.01 -11.48 11.95
CA ILE A 228 10.06 -11.77 10.89
C ILE A 228 10.65 -11.24 9.59
N ASN A 229 10.68 -12.10 8.58
CA ASN A 229 11.36 -11.85 7.33
C ASN A 229 11.11 -12.98 6.33
N GLY A 230 11.46 -12.68 5.08
CA GLY A 230 11.26 -13.56 3.92
C GLY A 230 12.50 -14.33 3.52
N PRO A 231 12.38 -15.18 2.49
CA PRO A 231 13.48 -16.11 2.14
C PRO A 231 14.82 -15.47 1.74
N TRP A 232 14.74 -14.30 1.13
CA TRP A 232 15.93 -13.49 0.83
C TRP A 232 16.88 -13.31 2.02
N ALA A 233 16.34 -13.23 3.22
CA ALA A 233 17.13 -13.01 4.43
C ALA A 233 18.06 -14.16 4.83
N TRP A 234 17.66 -15.38 4.43
CA TRP A 234 18.30 -16.61 4.93
C TRP A 234 19.84 -16.68 4.69
N SER A 235 20.34 -16.12 3.57
CA SER A 235 21.80 -16.09 3.29
C SER A 235 22.64 -15.54 4.43
N ASN A 236 22.29 -14.32 4.87
CA ASN A 236 23.07 -13.56 5.87
C ASN A 236 23.02 -14.27 7.23
N ILE A 237 21.87 -14.90 7.52
CA ILE A 237 21.73 -15.69 8.75
C ILE A 237 22.67 -16.87 8.64
N ASP A 238 22.70 -17.59 7.53
CA ASP A 238 23.61 -18.74 7.43
C ASP A 238 25.03 -18.33 7.79
N THR A 239 25.53 -17.33 7.06
CA THR A 239 26.84 -16.67 7.30
C THR A 239 27.20 -16.46 8.79
N SER A 240 26.25 -15.90 9.54
CA SER A 240 26.41 -15.67 10.99
C SER A 240 26.57 -16.93 11.87
N LYS A 241 26.09 -18.08 11.41
CA LYS A 241 26.00 -19.32 12.24
C LYS A 241 25.25 -19.15 13.60
N VAL A 242 24.14 -18.41 13.53
CA VAL A 242 23.04 -18.54 14.48
C VAL A 242 22.29 -19.79 14.04
N ASN A 243 21.98 -20.67 14.99
CA ASN A 243 21.18 -21.88 14.69
C ASN A 243 19.69 -21.46 14.64
N TYR A 244 19.04 -21.63 13.49
CA TYR A 244 17.71 -21.05 13.30
C TYR A 244 16.64 -21.88 12.65
N GLY A 245 15.39 -21.62 13.01
CA GLY A 245 14.23 -22.27 12.39
C GLY A 245 13.37 -21.27 11.66
N VAL A 246 12.63 -21.72 10.64
CA VAL A 246 11.60 -20.92 9.96
C VAL A 246 10.25 -21.63 10.16
N THR A 247 9.27 -20.95 10.73
CA THR A 247 8.00 -21.58 11.14
C THR A 247 6.79 -20.69 10.84
N VAL A 248 5.60 -21.21 11.15
CA VAL A 248 4.33 -20.50 10.97
C VAL A 248 4.30 -19.23 11.82
N LEU A 249 3.60 -18.20 11.36
CA LEU A 249 3.54 -16.95 12.10
C LEU A 249 2.59 -17.16 13.23
N PRO A 250 2.76 -16.38 14.31
CA PRO A 250 1.96 -16.56 15.51
C PRO A 250 0.50 -16.13 15.31
N THR A 251 -0.43 -16.87 15.91
CA THR A 251 -1.85 -16.56 15.82
C THR A 251 -2.13 -15.33 16.68
N PHE A 252 -3.10 -14.53 16.25
CA PHE A 252 -3.60 -13.43 17.05
C PHE A 252 -5.12 -13.63 17.21
N LYS A 253 -5.56 -13.54 18.47
CA LYS A 253 -6.91 -13.89 18.84
C LYS A 253 -7.38 -15.24 18.29
N GLY A 254 -6.48 -16.23 18.25
CA GLY A 254 -6.79 -17.57 17.73
C GLY A 254 -6.98 -17.67 16.24
N GLN A 255 -6.61 -16.65 15.47
CA GLN A 255 -6.69 -16.65 14.01
C GLN A 255 -5.30 -16.45 13.49
N PRO A 256 -4.93 -17.09 12.36
CA PRO A 256 -3.53 -16.99 11.97
C PRO A 256 -3.24 -15.63 11.34
N SER A 257 -1.97 -15.26 11.46
CA SER A 257 -1.44 -14.13 10.74
C SER A 257 -1.49 -14.37 9.24
N LYS A 258 -1.80 -13.31 8.51
CA LYS A 258 -2.13 -13.42 7.09
C LYS A 258 -1.22 -12.47 6.35
N PRO A 259 -0.02 -12.91 5.97
CA PRO A 259 0.81 -12.00 5.20
C PRO A 259 0.26 -11.74 3.82
N PHE A 260 0.55 -10.56 3.26
CA PHE A 260 0.28 -10.34 1.84
C PHE A 260 1.38 -11.04 1.06
N VAL A 261 0.97 -11.87 0.11
CA VAL A 261 1.89 -12.74 -0.66
C VAL A 261 2.29 -12.05 -1.94
N GLY A 262 3.59 -11.95 -2.18
CA GLY A 262 4.10 -11.25 -3.33
C GLY A 262 4.68 -12.22 -4.36
N VAL A 263 4.38 -11.97 -5.63
CA VAL A 263 5.02 -12.69 -6.66
C VAL A 263 6.05 -11.75 -7.28
N LEU A 264 7.31 -12.04 -6.95
CA LEU A 264 8.42 -11.33 -7.57
C LEU A 264 8.33 -11.57 -9.08
N SER A 265 8.30 -10.49 -9.85
CA SER A 265 8.06 -10.57 -11.28
C SER A 265 8.98 -9.54 -12.04
N ALA A 266 9.11 -9.79 -13.35
CA ALA A 266 9.96 -8.99 -14.22
C ALA A 266 9.12 -8.45 -15.33
N GLY A 267 9.12 -7.13 -15.47
CA GLY A 267 8.42 -6.51 -16.55
C GLY A 267 9.38 -6.00 -17.56
N ILE A 268 8.89 -5.79 -18.76
CA ILE A 268 9.67 -5.15 -19.81
C ILE A 268 9.16 -3.74 -20.05
N ASN A 269 10.08 -2.79 -20.08
CA ASN A 269 9.77 -1.39 -20.26
C ASN A 269 9.15 -1.18 -21.64
N ALA A 270 8.03 -0.44 -21.74
CA ALA A 270 7.41 -0.16 -23.03
C ALA A 270 8.30 0.66 -23.97
N ALA A 271 9.15 1.51 -23.40
CA ALA A 271 10.09 2.36 -24.12
C ALA A 271 11.44 1.69 -24.40
N SER A 272 11.60 0.42 -24.03
CA SER A 272 12.85 -0.27 -24.32
C SER A 272 12.88 -0.53 -25.82
N PRO A 273 14.01 -0.36 -26.46
CA PRO A 273 14.12 -0.82 -27.84
C PRO A 273 14.69 -2.23 -27.91
N ASN A 274 14.82 -2.87 -26.77
CA ASN A 274 15.52 -4.16 -26.66
C ASN A 274 14.56 -5.22 -26.17
N LYS A 275 13.29 -5.10 -26.54
CA LYS A 275 12.27 -5.90 -25.93
C LYS A 275 12.42 -7.38 -26.21
N GLU A 276 12.76 -7.73 -27.44
CA GLU A 276 12.98 -9.14 -27.76
C GLU A 276 14.22 -9.69 -27.13
N LEU A 277 15.28 -8.90 -26.98
CA LEU A 277 16.44 -9.35 -26.24
C LEU A 277 16.08 -9.66 -24.78
N ALA A 278 15.23 -8.79 -24.21
CA ALA A 278 14.71 -8.89 -22.85
C ALA A 278 13.91 -10.16 -22.69
N LYS A 279 12.95 -10.37 -23.57
CA LYS A 279 12.22 -11.61 -23.63
C LYS A 279 13.17 -12.83 -23.73
N GLU A 280 14.18 -12.77 -24.59
CA GLU A 280 15.10 -13.89 -24.71
C GLU A 280 15.88 -14.14 -23.40
N PHE A 281 16.27 -13.07 -22.71
CA PHE A 281 16.99 -13.19 -21.43
C PHE A 281 16.11 -13.89 -20.37
N LEU A 282 14.90 -13.39 -20.28
CA LEU A 282 14.03 -13.80 -19.25
C LEU A 282 13.55 -15.22 -19.49
N GLU A 283 13.26 -15.55 -20.73
CA GLU A 283 12.68 -16.85 -21.03
C GLU A 283 13.73 -17.93 -21.13
N ASN A 284 14.87 -17.65 -21.75
CA ASN A 284 15.79 -18.74 -22.14
C ASN A 284 17.01 -18.89 -21.26
N TYR A 285 17.25 -17.85 -20.44
CA TYR A 285 18.42 -17.76 -19.58
C TYR A 285 18.02 -17.70 -18.10
N LEU A 286 17.16 -16.72 -17.72
CA LEU A 286 16.80 -16.50 -16.30
C LEU A 286 15.88 -17.58 -15.77
N LEU A 287 14.65 -17.64 -16.30
CA LEU A 287 13.69 -18.68 -15.93
C LEU A 287 14.07 -20.08 -16.46
N THR A 288 15.19 -20.59 -15.94
CA THR A 288 15.63 -21.95 -16.17
C THR A 288 16.10 -22.52 -14.81
N ASP A 289 16.35 -23.82 -14.75
CA ASP A 289 16.95 -24.39 -13.56
C ASP A 289 18.30 -23.68 -13.32
N GLU A 290 19.10 -23.54 -14.38
CA GLU A 290 20.45 -22.95 -14.33
C GLU A 290 20.37 -21.58 -13.75
N GLY A 291 19.42 -20.83 -14.26
CA GLY A 291 19.36 -19.43 -14.01
C GLY A 291 18.87 -19.12 -12.63
N LEU A 292 17.77 -19.75 -12.25
CA LEU A 292 17.21 -19.56 -10.93
C LEU A 292 18.15 -20.06 -9.82
N GLU A 293 18.95 -21.08 -10.11
CA GLU A 293 19.96 -21.47 -9.15
C GLU A 293 21.04 -20.45 -8.90
N ALA A 294 21.43 -19.71 -9.93
CA ALA A 294 22.41 -18.65 -9.76
C ALA A 294 21.84 -17.58 -8.85
N VAL A 295 20.61 -17.22 -9.10
CA VAL A 295 19.98 -16.23 -8.23
C VAL A 295 19.72 -16.80 -6.80
N ASN A 296 19.16 -17.99 -6.67
CA ASN A 296 18.79 -18.54 -5.36
C ASN A 296 20.03 -18.79 -4.51
N LYS A 297 21.15 -19.19 -5.13
CA LYS A 297 22.47 -19.32 -4.46
C LYS A 297 22.93 -18.08 -3.78
N ASP A 298 22.66 -16.91 -4.37
CA ASP A 298 23.15 -15.64 -3.84
C ASP A 298 22.27 -15.25 -2.69
N LYS A 299 20.96 -15.15 -2.94
CA LYS A 299 19.96 -14.90 -1.89
C LYS A 299 18.72 -15.66 -2.34
N PRO A 300 18.16 -16.49 -1.45
CA PRO A 300 17.01 -17.32 -1.76
C PRO A 300 15.77 -16.62 -2.25
N LEU A 301 15.11 -17.21 -3.23
CA LEU A 301 13.91 -16.63 -3.82
C LEU A 301 12.66 -17.08 -3.10
N GLY A 302 12.78 -18.12 -2.28
CA GLY A 302 11.60 -18.76 -1.74
C GLY A 302 11.10 -19.85 -2.68
N ALA A 303 9.80 -19.84 -2.95
CA ALA A 303 9.15 -20.85 -3.76
C ALA A 303 9.06 -20.33 -5.19
N VAL A 304 9.70 -21.00 -6.12
CA VAL A 304 9.73 -20.44 -7.46
C VAL A 304 8.51 -20.82 -8.32
N ALA A 305 8.24 -19.95 -9.26
CA ALA A 305 7.25 -20.12 -10.30
C ALA A 305 7.56 -21.20 -11.35
N LEU A 306 8.84 -21.43 -11.63
CA LEU A 306 9.26 -22.54 -12.48
C LEU A 306 9.07 -23.97 -11.88
N LYS A 307 8.17 -24.77 -12.45
CA LYS A 307 7.85 -26.08 -11.86
C LYS A 307 9.05 -26.97 -11.76
N SER A 308 9.88 -27.00 -12.79
CA SER A 308 11.11 -27.83 -12.76
C SER A 308 11.97 -27.50 -11.51
N TYR A 309 12.35 -26.23 -11.34
CA TYR A 309 13.23 -25.83 -10.24
C TYR A 309 12.57 -25.92 -8.83
N GLU A 310 11.25 -25.70 -8.74
CA GLU A 310 10.53 -25.85 -7.47
C GLU A 310 10.59 -27.28 -6.92
N GLU A 311 10.71 -28.27 -7.81
CA GLU A 311 10.81 -29.66 -7.41
C GLU A 311 12.15 -29.99 -6.73
N GLU A 312 13.22 -29.21 -7.00
CA GLU A 312 14.54 -29.35 -6.27
C GLU A 312 14.40 -28.78 -4.89
N LEU A 313 13.83 -27.57 -4.87
CA LEU A 313 13.62 -26.83 -3.68
C LEU A 313 12.50 -27.31 -2.77
N ALA A 314 11.56 -28.15 -3.20
CA ALA A 314 10.37 -28.38 -2.34
C ALA A 314 10.65 -29.18 -1.06
N LYS A 315 11.71 -30.01 -1.04
CA LYS A 315 12.12 -30.74 0.17
C LYS A 315 12.58 -29.88 1.33
N ASP A 316 13.07 -28.68 1.05
CA ASP A 316 13.55 -27.76 2.11
C ASP A 316 12.45 -27.33 3.09
N PRO A 317 12.65 -27.57 4.39
CA PRO A 317 11.61 -27.12 5.37
C PRO A 317 11.33 -25.63 5.46
N ARG A 318 12.27 -24.80 5.08
CA ARG A 318 12.05 -23.35 5.10
C ARG A 318 11.06 -22.93 3.99
N ILE A 319 11.12 -23.64 2.85
CA ILE A 319 10.13 -23.46 1.79
C ILE A 319 8.73 -23.92 2.27
N ALA A 320 8.66 -25.05 2.95
CA ALA A 320 7.36 -25.57 3.37
C ALA A 320 6.67 -24.59 4.29
N ALA A 321 7.43 -23.99 5.18
CA ALA A 321 6.90 -22.96 6.07
C ALA A 321 6.42 -21.80 5.24
N THR A 322 7.26 -21.40 4.30
CA THR A 322 6.96 -20.24 3.47
C THR A 322 5.59 -20.43 2.77
N MET A 323 5.42 -21.60 2.17
CA MET A 323 4.15 -21.95 1.54
C MET A 323 3.01 -22.03 2.55
N GLU A 324 3.28 -22.53 3.75
CA GLU A 324 2.22 -22.62 4.75
C GLU A 324 1.72 -21.23 5.16
N ASN A 325 2.66 -20.30 5.36
CA ASN A 325 2.35 -18.93 5.70
C ASN A 325 1.62 -18.24 4.56
N ALA A 326 2.02 -18.56 3.33
CA ALA A 326 1.36 -18.06 2.11
C ALA A 326 -0.10 -18.46 2.01
N GLN A 327 -0.33 -19.73 2.30
CA GLN A 327 -1.65 -20.30 2.26
C GLN A 327 -2.57 -19.67 3.30
N LYS A 328 -2.03 -19.24 4.43
CA LYS A 328 -2.84 -18.62 5.50
C LYS A 328 -3.20 -17.21 5.11
N GLY A 329 -2.27 -16.57 4.41
CA GLY A 329 -2.43 -15.23 3.93
C GLY A 329 -3.27 -15.12 2.68
N GLU A 330 -2.96 -14.11 1.87
CA GLU A 330 -3.70 -13.72 0.68
C GLU A 330 -2.69 -13.33 -0.34
N ILE A 331 -2.95 -13.65 -1.60
CA ILE A 331 -2.16 -13.08 -2.70
C ILE A 331 -2.49 -11.61 -2.91
N MET A 332 -1.50 -10.74 -3.03
CA MET A 332 -1.78 -9.28 -3.15
C MET A 332 -2.62 -9.00 -4.39
N PRO A 333 -3.56 -8.05 -4.28
CA PRO A 333 -4.15 -7.49 -5.49
C PRO A 333 -3.06 -6.78 -6.27
N ASN A 334 -3.24 -6.62 -7.59
CA ASN A 334 -2.31 -5.81 -8.41
C ASN A 334 -2.87 -4.49 -8.90
N ILE A 335 -4.10 -4.15 -8.48
CA ILE A 335 -4.79 -2.97 -8.98
C ILE A 335 -4.00 -1.68 -8.70
N PRO A 336 -4.23 -0.63 -9.48
CA PRO A 336 -3.52 0.64 -9.27
C PRO A 336 -3.71 1.21 -7.88
N GLN A 337 -4.81 0.89 -7.25
CA GLN A 337 -5.13 1.42 -5.93
C GLN A 337 -4.22 0.92 -4.81
N MET A 338 -3.38 -0.07 -5.09
CA MET A 338 -2.49 -0.62 -4.07
C MET A 338 -1.46 0.43 -3.68
N SER A 339 -0.97 1.27 -4.58
CA SER A 339 0.03 2.26 -4.16
C SER A 339 -0.48 3.18 -3.00
N ALA A 340 -1.74 3.63 -3.15
CA ALA A 340 -2.50 4.40 -2.15
C ALA A 340 -2.72 3.61 -0.86
N PHE A 341 -3.12 2.35 -0.96
CA PHE A 341 -3.29 1.51 0.24
C PHE A 341 -1.99 1.40 1.03
N TRP A 342 -0.88 1.13 0.39
CA TRP A 342 0.38 0.98 1.11
C TRP A 342 0.78 2.29 1.75
N TYR A 343 0.65 3.41 1.03
CA TYR A 343 0.93 4.72 1.61
C TYR A 343 0.09 4.93 2.89
N ALA A 344 -1.20 4.63 2.80
CA ALA A 344 -2.14 4.75 3.92
C ALA A 344 -1.71 4.00 5.16
N VAL A 345 -1.39 2.73 4.98
CA VAL A 345 -1.09 1.84 6.08
C VAL A 345 0.30 2.15 6.60
N ARG A 346 1.22 2.46 5.69
CA ARG A 346 2.56 2.83 6.12
C ARG A 346 2.49 3.97 7.11
N THR A 347 1.83 5.01 6.64
CA THR A 347 1.64 6.26 7.34
C THR A 347 0.96 6.08 8.70
N ALA A 348 -0.09 5.24 8.74
CA ALA A 348 -0.83 4.93 9.97
C ALA A 348 0.06 4.26 11.03
N VAL A 349 0.72 3.17 10.63
CA VAL A 349 1.60 2.41 11.56
C VAL A 349 2.71 3.32 12.11
N ILE A 350 3.38 4.07 11.24
CA ILE A 350 4.43 4.93 11.70
C ILE A 350 3.85 5.93 12.67
N ASN A 351 2.75 6.60 12.33
CA ASN A 351 2.21 7.67 13.23
C ASN A 351 1.87 7.09 14.62
N ALA A 352 1.09 5.99 14.65
CA ALA A 352 0.72 5.25 15.89
C ALA A 352 1.88 4.69 16.73
N ALA A 353 2.79 3.96 16.06
CA ALA A 353 4.05 3.45 16.65
C ALA A 353 4.84 4.59 17.27
N SER A 354 4.90 5.67 16.54
CA SER A 354 5.66 6.84 16.91
C SER A 354 5.06 7.62 18.07
N GLY A 355 3.80 7.37 18.43
CA GLY A 355 3.07 8.20 19.38
C GLY A 355 2.32 9.40 18.81
N ARG A 356 2.52 9.72 17.53
CA ARG A 356 1.89 10.90 16.90
C ARG A 356 0.34 10.92 16.87
N GLN A 357 -0.27 9.74 16.75
CA GLN A 357 -1.73 9.58 16.66
C GLN A 357 -2.20 8.36 17.49
N THR A 358 -3.43 8.40 17.99
CA THR A 358 -4.05 7.19 18.58
C THR A 358 -4.23 6.19 17.44
N VAL A 359 -4.47 4.94 17.81
CA VAL A 359 -4.76 3.96 16.79
C VAL A 359 -6.02 4.37 16.00
N ASP A 360 -7.11 4.77 16.65
CA ASP A 360 -8.33 5.08 15.87
C ASP A 360 -8.18 6.27 14.93
N GLU A 361 -7.40 7.25 15.37
CA GLU A 361 -7.06 8.42 14.55
C GLU A 361 -6.20 8.02 13.36
N ALA A 362 -5.12 7.29 13.62
CA ALA A 362 -4.17 6.89 12.56
C ALA A 362 -4.81 6.11 11.42
N LEU A 363 -5.67 5.20 11.82
CA LEU A 363 -6.40 4.38 10.90
C LEU A 363 -7.50 5.13 10.15
N LYS A 364 -8.29 5.99 10.82
CA LYS A 364 -9.32 6.76 10.08
C LYS A 364 -8.68 7.52 8.91
N ASP A 365 -7.42 7.94 9.06
CA ASP A 365 -6.68 8.60 7.98
C ASP A 365 -6.30 7.63 6.87
N ALA A 366 -5.85 6.45 7.25
CA ALA A 366 -5.68 5.38 6.30
C ALA A 366 -6.94 5.05 5.48
N GLN A 367 -8.12 5.00 6.13
CA GLN A 367 -9.37 4.72 5.40
C GLN A 367 -9.68 5.85 4.41
N THR A 368 -9.61 7.10 4.87
CA THR A 368 -9.69 8.27 3.97
C THR A 368 -8.76 8.22 2.76
N ASN A 369 -7.53 7.78 2.98
CA ASN A 369 -6.52 7.76 1.94
C ASN A 369 -6.69 6.56 1.03
N ALA A 370 -6.85 5.38 1.62
CA ALA A 370 -6.94 4.17 0.86
C ALA A 370 -8.15 4.17 -0.04
N ALA A 371 -9.21 4.81 0.42
CA ALA A 371 -10.42 4.96 -0.34
C ALA A 371 -10.68 6.40 -0.83
N ALA A 372 -9.62 7.16 -1.13
CA ALA A 372 -9.77 8.50 -1.74
C ALA A 372 -10.61 8.47 -3.04
N GLU A 373 -10.46 7.45 -3.89
CA GLU A 373 -11.19 7.51 -5.16
C GLU A 373 -12.71 7.66 -4.99
N PHE A 374 -13.25 6.78 -4.14
CA PHE A 374 -14.69 6.70 -3.79
C PHE A 374 -15.20 7.88 -2.99
N LEU A 375 -14.46 8.33 -1.99
CA LEU A 375 -14.92 9.44 -1.13
C LEU A 375 -14.96 10.79 -1.85
N TYR A 376 -14.13 10.98 -2.89
CA TYR A 376 -14.20 12.19 -3.69
C TYR A 376 -15.48 12.19 -4.54
N VAL A 377 -15.89 11.05 -5.05
CA VAL A 377 -17.10 11.00 -5.90
C VAL A 377 -18.34 11.32 -5.06
N VAL A 378 -18.43 10.72 -3.87
CA VAL A 378 -19.59 10.88 -2.99
C VAL A 378 -19.67 12.32 -2.50
N GLY A 379 -18.58 12.82 -1.92
CA GLY A 379 -18.50 14.20 -1.46
C GLY A 379 -18.87 15.20 -2.53
N ARG A 380 -18.30 14.97 -3.69
CA ARG A 380 -18.56 15.77 -4.88
C ARG A 380 -20.01 15.71 -5.38
N LYS A 381 -20.63 14.55 -5.29
CA LYS A 381 -21.98 14.35 -5.83
C LYS A 381 -23.05 14.91 -4.89
N LYS A 382 -22.85 14.81 -3.57
CA LYS A 382 -23.68 15.43 -2.54
C LYS A 382 -23.89 16.87 -2.94
N MET A 383 -22.77 17.54 -3.11
CA MET A 383 -22.78 18.95 -3.41
C MET A 383 -23.44 19.21 -4.75
N MET A 384 -23.10 18.44 -5.82
CA MET A 384 -23.64 18.71 -7.18
C MET A 384 -25.14 18.53 -7.19
N ASP A 385 -25.67 17.54 -6.51
CA ASP A 385 -27.12 17.32 -6.41
C ASP A 385 -27.84 18.46 -5.79
N ALA A 386 -27.18 19.13 -4.87
CA ALA A 386 -27.77 20.28 -4.22
C ALA A 386 -27.79 21.48 -5.17
N GLN A 387 -26.69 21.68 -5.91
CA GLN A 387 -26.56 22.73 -6.95
C GLN A 387 -27.71 22.72 -7.97
N TYR A 388 -28.09 21.52 -8.39
CA TYR A 388 -29.07 21.36 -9.41
C TYR A 388 -30.50 21.60 -8.90
N LYS A 389 -30.82 21.18 -7.68
CA LYS A 389 -32.08 21.58 -7.10
C LYS A 389 -32.08 23.12 -7.01
N CYS A 390 -30.98 23.71 -6.56
CA CYS A 390 -30.97 25.16 -6.44
C CYS A 390 -31.30 25.82 -7.74
N TYR A 391 -30.68 25.31 -8.80
CA TYR A 391 -30.86 25.87 -10.12
C TYR A 391 -32.29 25.69 -10.61
N ASP A 392 -32.86 24.50 -10.44
CA ASP A 392 -34.27 24.30 -10.73
C ASP A 392 -35.12 25.26 -9.94
N ARG A 393 -34.99 25.34 -8.63
CA ARG A 393 -35.86 26.24 -7.90
C ARG A 393 -35.55 27.72 -8.22
N MET A 394 -34.33 28.07 -8.53
CA MET A 394 -34.06 29.44 -9.05
C MET A 394 -34.81 29.78 -10.35
N GLN A 395 -35.13 28.79 -11.16
CA GLN A 395 -35.85 29.01 -12.40
C GLN A 395 -37.37 28.98 -12.19
N GLN A 396 -37.81 28.45 -11.09
CA GLN A 396 -39.18 28.10 -10.94
C GLN A 396 -39.97 29.13 -10.16
N LEU A 397 -39.37 29.81 -9.21
CA LEU A 397 -40.11 30.68 -8.30
C LEU A 397 -40.33 32.03 -8.93
N PRO A 398 -41.56 32.53 -8.88
CA PRO A 398 -41.86 33.74 -9.61
C PRO A 398 -41.16 34.99 -9.04
N ALA A 399 -41.03 36.03 -9.85
CA ALA A 399 -40.37 37.28 -9.44
C ALA A 399 -40.84 37.92 -8.14
N TYR A 400 -39.86 38.43 -7.42
CA TYR A 400 -40.09 39.32 -6.23
C TYR A 400 -41.16 40.35 -6.53
N GLN A 401 -42.13 40.49 -5.65
CA GLN A 401 -43.23 41.42 -5.81
C GLN A 401 -43.11 42.32 -4.60
N GLY A 402 -42.39 43.40 -4.64
CA GLY A 402 -41.99 44.05 -3.39
C GLY A 402 -41.46 45.36 -3.89
N GLU A 403 -41.84 46.44 -3.27
CA GLU A 403 -41.52 47.68 -3.90
C GLU A 403 -40.13 48.15 -3.52
N GLY A 404 -39.47 47.47 -2.57
CA GLY A 404 -38.20 47.91 -2.04
C GLY A 404 -37.04 47.16 -2.68
N PRO A 405 -35.81 47.44 -2.23
CA PRO A 405 -34.68 46.64 -2.62
C PRO A 405 -34.74 45.30 -1.96
N TYR A 406 -34.09 44.34 -2.61
CA TYR A 406 -34.04 42.96 -2.16
C TYR A 406 -32.84 42.29 -2.76
N CYS A 407 -32.26 41.38 -2.02
CA CYS A 407 -31.11 40.61 -2.52
C CYS A 407 -31.68 39.44 -3.24
N ASN A 408 -31.12 39.09 -4.37
CA ASN A 408 -31.77 38.05 -5.17
C ASN A 408 -31.24 36.65 -4.92
N ARG A 409 -32.06 35.67 -5.26
CA ARG A 409 -31.79 34.24 -5.11
C ARG A 409 -30.44 33.84 -5.63
N THR A 410 -29.78 32.97 -4.91
CA THR A 410 -28.39 32.62 -5.24
C THR A 410 -27.95 31.27 -4.66
N TRP A 411 -27.02 30.62 -5.37
CA TRP A 411 -26.32 29.45 -4.83
C TRP A 411 -24.96 29.87 -4.34
N ASP A 412 -24.73 29.71 -3.02
CA ASP A 412 -23.50 30.22 -2.39
C ASP A 412 -22.32 29.27 -2.45
N GLY A 413 -22.54 28.05 -2.89
CA GLY A 413 -21.46 27.06 -2.99
C GLY A 413 -21.86 25.85 -2.17
N TRP A 414 -22.62 26.07 -1.09
CA TRP A 414 -23.07 24.99 -0.23
C TRP A 414 -24.58 24.91 -0.04
N LEU A 415 -25.26 26.06 -0.10
CA LEU A 415 -26.72 26.10 0.06
C LEU A 415 -27.41 27.02 -0.93
N CYS A 416 -28.68 26.72 -1.21
CA CYS A 416 -29.61 27.61 -1.93
C CYS A 416 -30.30 28.69 -1.04
N TRP A 417 -30.44 29.90 -1.57
CA TRP A 417 -31.07 31.04 -0.88
C TRP A 417 -32.13 31.71 -1.77
N ASP A 418 -33.28 32.09 -1.22
CA ASP A 418 -34.30 32.72 -2.07
C ASP A 418 -34.18 34.22 -2.15
N ASP A 419 -34.85 34.82 -3.12
CA ASP A 419 -34.99 36.27 -3.11
C ASP A 419 -35.32 36.60 -1.65
N THR A 420 -34.58 37.56 -1.11
CA THR A 420 -34.74 38.03 0.27
C THR A 420 -34.82 39.60 0.32
N PRO A 421 -35.75 40.12 1.13
CA PRO A 421 -35.91 41.59 1.22
C PRO A 421 -34.77 42.27 1.95
N ALA A 422 -34.56 43.55 1.68
CA ALA A 422 -33.56 44.32 2.41
C ALA A 422 -33.73 44.29 3.92
N GLY A 423 -32.57 44.27 4.59
CA GLY A 423 -32.43 44.23 6.05
C GLY A 423 -32.94 42.98 6.70
N VAL A 424 -33.20 41.92 5.94
CA VAL A 424 -33.70 40.64 6.49
C VAL A 424 -32.55 39.66 6.65
N LEU A 425 -32.54 39.00 7.82
CA LEU A 425 -31.60 37.94 8.17
C LEU A 425 -32.33 36.63 7.88
N SER A 426 -31.81 35.92 6.87
CA SER A 426 -32.40 34.72 6.34
C SER A 426 -31.73 33.58 7.08
N TYR A 427 -32.40 32.44 7.20
CA TYR A 427 -31.79 31.25 7.85
C TYR A 427 -32.33 29.91 7.40
N GLN A 428 -31.52 28.87 7.56
CA GLN A 428 -31.92 27.48 7.19
C GLN A 428 -30.98 26.49 7.81
N PHE A 429 -31.30 25.20 7.72
CA PHE A 429 -30.52 24.14 8.42
C PHE A 429 -29.18 23.95 7.76
N CYS A 430 -28.17 23.63 8.55
CA CYS A 430 -26.86 23.31 8.02
C CYS A 430 -26.93 22.13 7.07
N PRO A 431 -26.05 22.12 6.04
CA PRO A 431 -25.93 20.97 5.14
C PRO A 431 -25.22 19.83 5.82
N ASP A 432 -25.36 18.63 5.29
CA ASP A 432 -24.63 17.49 5.86
C ASP A 432 -23.47 17.03 4.96
N TYR A 433 -22.64 17.93 4.43
CA TYR A 433 -21.50 17.46 3.61
C TYR A 433 -20.39 16.90 4.43
N PHE A 434 -20.21 17.40 5.63
CA PHE A 434 -19.00 17.15 6.39
C PHE A 434 -19.35 16.46 7.69
N PRO A 435 -18.40 15.66 8.24
CA PRO A 435 -18.80 14.90 9.42
C PRO A 435 -19.03 15.76 10.65
N ASP A 436 -18.39 16.94 10.74
CA ASP A 436 -18.51 17.82 11.95
C ASP A 436 -19.70 18.81 11.92
N PHE A 437 -20.55 18.72 10.89
CA PHE A 437 -21.70 19.61 10.75
C PHE A 437 -22.94 18.94 11.33
N ASP A 438 -23.62 19.66 12.23
CA ASP A 438 -24.87 19.25 12.84
C ASP A 438 -26.03 19.82 12.01
N PRO A 439 -26.81 18.96 11.35
CA PRO A 439 -27.87 19.56 10.57
C PRO A 439 -29.11 20.02 11.39
N SER A 440 -29.07 19.92 12.72
CA SER A 440 -30.08 20.58 13.53
C SER A 440 -29.71 22.06 13.74
N GLU A 441 -28.45 22.41 13.49
CA GLU A 441 -28.04 23.79 13.71
C GLU A 441 -28.29 24.57 12.42
N LYS A 442 -28.19 25.90 12.49
CA LYS A 442 -28.59 26.74 11.38
C LYS A 442 -27.50 27.69 10.85
N VAL A 443 -27.74 28.17 9.63
CA VAL A 443 -26.87 29.05 8.87
C VAL A 443 -27.63 30.32 8.63
N THR A 444 -26.96 31.46 8.74
CA THR A 444 -27.56 32.74 8.45
C THR A 444 -26.99 33.35 7.18
N LYS A 445 -27.81 34.14 6.49
CA LYS A 445 -27.32 34.99 5.42
C LYS A 445 -28.03 36.35 5.47
N TYR A 446 -27.31 37.43 5.73
CA TYR A 446 -27.94 38.75 5.86
C TYR A 446 -27.92 39.57 4.57
N CYS A 447 -29.11 40.07 4.19
CA CYS A 447 -29.29 40.98 3.07
C CYS A 447 -29.28 42.44 3.58
N ASP A 448 -28.37 43.28 3.07
CA ASP A 448 -28.26 44.66 3.55
C ASP A 448 -29.39 45.59 3.08
N GLU A 449 -29.44 46.73 3.75
CA GLU A 449 -30.45 47.73 3.59
C GLU A 449 -30.50 48.19 2.15
N LYS A 450 -29.44 48.01 1.34
CA LYS A 450 -29.45 48.38 -0.10
C LYS A 450 -29.72 47.24 -1.06
N GLY A 451 -30.07 46.06 -0.57
CA GLY A 451 -30.38 44.93 -1.44
C GLY A 451 -29.21 44.15 -1.99
N VAL A 452 -28.15 44.03 -1.17
CA VAL A 452 -26.87 43.41 -1.53
C VAL A 452 -26.48 42.41 -0.42
N TRP A 453 -26.02 41.23 -0.79
CA TRP A 453 -25.72 40.28 0.24
C TRP A 453 -24.46 40.76 1.06
N PHE A 454 -24.50 40.37 2.34
CA PHE A 454 -23.45 40.57 3.33
C PHE A 454 -22.11 40.15 2.76
N LYS A 455 -21.12 41.01 2.92
CA LYS A 455 -19.75 40.68 2.59
C LYS A 455 -18.85 40.61 3.82
N HIS A 456 -17.90 39.70 3.78
CA HIS A 456 -17.07 39.45 4.96
C HIS A 456 -16.14 40.62 5.13
N PRO A 457 -15.93 41.06 6.37
CA PRO A 457 -15.04 42.21 6.54
C PRO A 457 -13.56 41.89 6.32
N GLU A 458 -13.21 40.61 6.18
CA GLU A 458 -11.82 40.20 5.97
C GLU A 458 -11.42 40.33 4.51
N ASN A 459 -12.39 40.24 3.60
CA ASN A 459 -12.04 40.32 2.20
C ASN A 459 -13.18 40.72 1.28
N ASN A 460 -14.24 41.33 1.82
CA ASN A 460 -15.42 41.76 1.05
C ASN A 460 -15.94 40.66 0.12
N ARG A 461 -15.98 39.41 0.56
CA ARG A 461 -16.51 38.34 -0.29
C ARG A 461 -17.92 38.03 0.19
N THR A 462 -18.82 37.76 -0.74
CA THR A 462 -20.18 37.47 -0.36
C THR A 462 -20.21 36.19 0.46
N TRP A 463 -20.89 36.21 1.61
CA TRP A 463 -20.66 35.21 2.63
C TRP A 463 -21.86 34.93 3.52
N SER A 464 -22.13 33.62 3.64
CA SER A 464 -23.09 33.08 4.55
C SER A 464 -22.36 32.49 5.72
N ASN A 465 -22.98 32.62 6.89
CA ASN A 465 -22.37 32.28 8.16
C ASN A 465 -22.66 30.84 8.57
N TYR A 466 -21.68 29.94 8.35
CA TYR A 466 -21.89 28.52 8.77
C TYR A 466 -21.29 28.18 10.17
N THR A 467 -20.99 29.19 10.99
CA THR A 467 -20.25 29.00 12.24
C THR A 467 -20.98 28.10 13.21
N MET A 468 -22.30 28.13 13.24
CA MET A 468 -23.01 27.29 14.19
C MET A 468 -23.01 25.79 13.83
N CYS A 469 -22.67 25.50 12.59
CA CYS A 469 -22.80 24.18 12.09
C CYS A 469 -21.88 23.22 12.78
N ASN A 470 -20.64 23.66 13.04
CA ASN A 470 -19.63 22.82 13.67
C ASN A 470 -19.07 23.48 14.91
N ALA A 471 -19.85 24.30 15.59
CA ALA A 471 -19.26 25.02 16.69
C ALA A 471 -19.28 24.28 18.02
N PHE A 472 -20.02 23.18 18.14
CA PHE A 472 -20.18 22.48 19.39
C PHE A 472 -19.90 21.01 19.15
N THR A 473 -18.99 20.45 19.93
CA THR A 473 -18.43 19.11 19.67
C THR A 473 -18.05 18.41 20.98
N TYR B 1 -10.98 13.01 12.77
CA TYR B 1 -11.73 14.29 12.81
C TYR B 1 -10.86 15.51 12.40
N PRO B 2 -10.76 15.81 11.08
CA PRO B 2 -10.20 17.14 10.67
C PRO B 2 -11.32 18.19 10.65
N ARG B 3 -10.98 19.42 10.99
CA ARG B 3 -11.97 20.44 11.41
C ARG B 3 -12.36 21.23 10.18
N THR B 4 -13.65 21.39 9.90
CA THR B 4 -14.07 22.07 8.68
C THR B 4 -14.06 23.55 8.94
N ASN B 5 -13.57 24.32 7.98
CA ASN B 5 -13.43 25.73 8.15
C ASN B 5 -14.67 26.44 7.64
N THR B 6 -15.10 27.51 8.33
CA THR B 6 -16.28 28.27 7.96
C THR B 6 -15.99 29.74 7.73
N GLY B 7 -14.73 30.14 7.66
CA GLY B 7 -14.36 31.56 7.54
C GLY B 7 -14.52 32.24 6.19
N SER B 8 -14.07 33.49 6.09
CA SER B 8 -14.04 34.20 4.76
C SER B 8 -13.30 33.29 3.85
N GLY B 9 -13.52 33.29 2.54
CA GLY B 9 -12.85 32.21 1.73
C GLY B 9 -13.51 30.80 1.61
N THR B 10 -14.41 30.44 2.56
CA THR B 10 -15.52 29.47 2.38
C THR B 10 -16.81 30.18 1.83
N PRO B 11 -17.95 29.45 1.71
CA PRO B 11 -19.19 30.11 1.20
C PRO B 11 -19.95 30.93 2.20
#